data_8UVW
#
_entry.id   8UVW
#
_cell.length_a   51.463
_cell.length_b   98.551
_cell.length_c   128.324
_cell.angle_alpha   90.00
_cell.angle_beta   90.00
_cell.angle_gamma   90.00
#
_symmetry.space_group_name_H-M   'P 21 21 21'
#
loop_
_entity.id
_entity.type
_entity.pdbx_description
1 polymer 'Breast cancer type 2 susceptibility protein, DNA repair protein RAD51 homolog 1 fusion'
2 polymer 'DNA repair protein RAD51 homolog 1,Breast cancer type 2 susceptibility protein'
3 non-polymer "ADENOSINE-5'-DIPHOSPHATE"
4 non-polymer 'BERYLLIUM TRIFLUORIDE ION'
5 non-polymer 1,2-ETHANEDIOL
6 water water
#
loop_
_entity_poly.entity_id
_entity_poly.type
_entity_poly.pdbx_seq_one_letter_code
_entity_poly.pdbx_strand_id
1 'polypeptide(L)'
;GSKEPTLLGFHTASGKKVKIAKESLDKVKNLFDTGSTGSTGSGFTTATEFHQRRSEIIQITTGSKELDKLLQGGIETGSI
TEMFGEFRTGKTQICHTLAVTCQLPIDRGGGEGKAMYIDTEGTFRPERLLAVAERYGLSGSDVLDNVAYARAFNTDHQTQ
LLYQASAMMVESRYALLIVDSATALYRTDYSGRGELSARQMHLARFLRMLLRLADEFGVAVVITNQVVAQVDGAAMFAAD
PKKPIGGNIIAHASTTRLYLRKGRGETRICKIYDSPSLPEAEAMFAINADGVGDAKD
;
B
2 'polypeptide(L)'
;SEIIQITTGSKELDKLLQGGIETGSITEMFGEFRTGKTQICHTLAVTCQLPIDRGGGEGKAMYIDTEGTFRPERLLAVAE
RYGLSGSDVLDNVAYARAFNTDHQTQLLYQAEDMMVESRYALLIVDSATALYRTDYSGRGELSARQMHLARFLRMLLRLA
DEFGVAVVITNQVVAQVDGAAMFAADPKKPIGGNIIAHASTTRLYLRKGRGETRICKIYDSPSLPEAEAMFAINADGVGD
AKDSSDSSLSSPSALDFLSRLPLPPPVSPIATFVSPAAQKAFQPPRSAG
;
D
#
# COMPACT_ATOMS: atom_id res chain seq x y z
N THR A 6 25.84 -24.76 -2.48
CA THR A 6 25.97 -23.56 -1.66
C THR A 6 26.88 -22.54 -2.33
N LEU A 7 26.29 -21.59 -3.04
CA LEU A 7 27.04 -20.54 -3.71
C LEU A 7 27.51 -19.50 -2.69
N LEU A 8 28.17 -18.46 -3.19
CA LEU A 8 28.63 -17.37 -2.33
C LEU A 8 27.42 -16.64 -1.76
N GLY A 9 27.35 -16.53 -0.44
CA GLY A 9 26.23 -15.89 0.21
C GLY A 9 26.24 -14.38 0.09
N PHE A 10 26.10 -13.69 1.21
CA PHE A 10 26.07 -12.22 1.23
C PHE A 10 27.42 -11.70 1.69
N HIS A 11 28.19 -11.16 0.75
CA HIS A 11 29.44 -10.48 1.06
C HIS A 11 29.22 -8.97 1.07
N THR A 12 30.27 -8.25 1.44
CA THR A 12 30.24 -6.80 1.44
C THR A 12 30.88 -6.25 0.17
N ALA A 13 30.74 -4.93 -0.02
CA ALA A 13 31.37 -4.29 -1.16
C ALA A 13 32.88 -4.29 -1.07
N SER A 14 33.43 -4.43 0.15
CA SER A 14 34.88 -4.53 0.33
C SER A 14 35.41 -5.90 0.00
N GLY A 15 34.57 -6.93 0.02
CA GLY A 15 34.96 -8.28 -0.34
C GLY A 15 34.90 -9.28 0.80
N LYS A 16 34.99 -8.84 2.05
CA LYS A 16 35.01 -9.77 3.16
C LYS A 16 33.63 -10.40 3.37
N LYS A 17 33.63 -11.62 3.91
CA LYS A 17 32.40 -12.37 4.08
C LYS A 17 31.67 -11.95 5.35
N VAL A 18 30.35 -11.86 5.27
CA VAL A 18 29.51 -11.52 6.41
C VAL A 18 29.13 -12.82 7.13
N LYS A 19 29.36 -12.85 8.44
CA LYS A 19 29.10 -14.04 9.25
C LYS A 19 27.83 -13.84 10.05
N ILE A 20 27.01 -14.89 10.12
CA ILE A 20 25.71 -14.84 10.78
C ILE A 20 25.72 -15.84 11.93
N ALA A 21 25.06 -15.46 13.02
CA ALA A 21 24.92 -16.35 14.17
C ALA A 21 23.75 -17.30 13.96
N LYS A 22 23.83 -18.47 14.59
CA LYS A 22 22.78 -19.47 14.43
C LYS A 22 21.49 -19.06 15.11
N GLU A 23 21.57 -18.21 16.14
CA GLU A 23 20.37 -17.72 16.80
C GLU A 23 19.51 -16.89 15.85
N SER A 24 20.13 -16.16 14.93
CA SER A 24 19.37 -15.37 13.98
C SER A 24 18.68 -16.26 12.94
N LEU A 25 19.35 -17.35 12.53
CA LEU A 25 18.74 -18.27 11.59
C LEU A 25 17.51 -18.95 12.18
N ASP A 26 17.60 -19.36 13.45
CA ASP A 26 16.46 -19.96 14.13
C ASP A 26 15.41 -18.93 14.54
N LYS A 27 15.73 -17.64 14.47
CA LYS A 27 14.78 -16.59 14.84
C LYS A 27 13.90 -16.15 13.67
N VAL A 28 14.28 -16.50 12.44
CA VAL A 28 13.54 -16.09 11.26
C VAL A 28 12.95 -17.26 10.49
N LYS A 29 13.13 -18.49 10.97
CA LYS A 29 12.52 -19.63 10.30
C LYS A 29 11.00 -19.62 10.42
N ASN A 30 10.48 -19.05 11.50
CA ASN A 30 9.04 -18.93 11.67
C ASN A 30 8.43 -17.85 10.78
N LEU A 31 9.24 -17.07 10.08
CA LEU A 31 8.75 -16.05 9.17
C LEU A 31 8.29 -16.69 7.86
N PHE A 32 7.61 -15.89 7.04
CA PHE A 32 7.06 -16.32 5.75
C PHE A 32 6.08 -17.48 5.95
N ASP A 33 5.02 -17.21 6.71
CA ASP A 33 4.01 -18.22 7.00
C ASP A 33 2.62 -17.61 6.93
N GLY A 41 -1.52 -8.61 17.27
CA GLY A 41 -2.14 -7.97 18.42
C GLY A 41 -2.47 -6.51 18.21
N SER A 42 -2.44 -6.09 16.94
CA SER A 42 -2.75 -4.70 16.61
C SER A 42 -4.23 -4.41 16.87
N GLY A 43 -4.50 -3.18 17.32
CA GLY A 43 -5.84 -2.77 17.67
C GLY A 43 -6.24 -1.48 16.95
N PHE A 44 -7.44 -1.02 17.27
CA PHE A 44 -7.99 0.18 16.67
C PHE A 44 -7.36 1.42 17.29
N THR A 45 -7.00 2.38 16.43
CA THR A 45 -6.53 3.69 16.86
C THR A 45 -7.23 4.75 16.02
N THR A 46 -7.19 5.98 16.51
CA THR A 46 -7.77 7.08 15.75
C THR A 46 -6.88 7.43 14.56
N ALA A 47 -7.51 8.03 13.54
CA ALA A 47 -6.78 8.39 12.33
C ALA A 47 -5.70 9.45 12.61
N THR A 48 -5.86 10.23 13.68
CA THR A 48 -4.82 11.21 14.02
C THR A 48 -3.55 10.51 14.50
N GLU A 49 -3.69 9.47 15.32
CA GLU A 49 -2.52 8.72 15.78
C GLU A 49 -1.81 8.06 14.61
N PHE A 50 -2.56 7.49 13.67
CA PHE A 50 -1.92 6.87 12.51
C PHE A 50 -1.29 7.89 11.59
N HIS A 51 -1.90 9.08 11.45
CA HIS A 51 -1.29 10.13 10.66
C HIS A 51 0.00 10.62 11.29
N GLN A 52 0.05 10.67 12.63
CA GLN A 52 1.29 11.02 13.32
C GLN A 52 2.33 9.92 13.14
N ARG A 53 1.90 8.65 13.18
CA ARG A 53 2.83 7.54 12.95
C ARG A 53 3.39 7.55 11.54
N ARG A 54 2.61 8.00 10.56
CA ARG A 54 3.12 8.10 9.20
C ARG A 54 4.07 9.27 9.02
N SER A 55 3.90 10.33 9.82
CA SER A 55 4.85 11.43 9.79
C SER A 55 6.19 11.05 10.38
N GLU A 56 6.24 9.99 11.18
CA GLU A 56 7.49 9.48 11.74
C GLU A 56 8.21 8.51 10.81
N ILE A 57 7.63 8.21 9.66
CA ILE A 57 8.25 7.26 8.73
C ILE A 57 9.52 7.88 8.16
N ILE A 58 10.65 7.19 8.36
CA ILE A 58 11.92 7.67 7.84
C ILE A 58 11.91 7.51 6.32
N GLN A 59 12.18 8.61 5.61
CA GLN A 59 12.25 8.61 4.15
C GLN A 59 13.67 8.94 3.72
N ILE A 60 14.22 8.12 2.85
CA ILE A 60 15.61 8.23 2.43
C ILE A 60 15.70 9.15 1.22
N THR A 61 16.63 10.11 1.28
CA THR A 61 16.82 11.04 0.18
C THR A 61 17.44 10.33 -1.02
N THR A 62 17.25 10.93 -2.19
CA THR A 62 17.75 10.37 -3.45
C THR A 62 18.89 11.18 -4.03
N GLY A 63 19.27 12.30 -3.41
CA GLY A 63 20.27 13.19 -3.95
C GLY A 63 19.74 14.28 -4.86
N SER A 64 18.53 14.12 -5.39
CA SER A 64 17.91 15.11 -6.25
C SER A 64 16.84 15.87 -5.48
N LYS A 65 16.91 17.20 -5.53
CA LYS A 65 15.91 18.02 -4.85
C LYS A 65 14.53 17.83 -5.46
N GLU A 66 14.45 17.85 -6.79
CA GLU A 66 13.15 17.73 -7.45
C GLU A 66 12.54 16.35 -7.24
N LEU A 67 13.38 15.31 -7.21
CA LEU A 67 12.85 13.97 -6.94
C LEU A 67 12.33 13.84 -5.51
N ASP A 68 13.04 14.43 -4.55
CA ASP A 68 12.57 14.40 -3.17
C ASP A 68 11.30 15.22 -2.99
N LYS A 69 11.15 16.32 -3.73
CA LYS A 69 9.92 17.09 -3.66
C LYS A 69 8.77 16.37 -4.36
N LEU A 70 9.07 15.59 -5.40
CA LEU A 70 8.03 14.81 -6.06
C LEU A 70 7.50 13.72 -5.14
N LEU A 71 8.39 13.06 -4.39
CA LEU A 71 8.01 12.02 -3.46
C LEU A 71 7.75 12.54 -2.05
N GLN A 72 7.82 13.86 -1.85
CA GLN A 72 7.55 14.49 -0.57
C GLN A 72 8.44 13.93 0.54
N GLY A 73 9.74 13.82 0.24
CA GLY A 73 10.69 13.33 1.21
C GLY A 73 11.70 12.36 0.63
N GLY A 74 11.22 11.40 -0.16
CA GLY A 74 12.11 10.42 -0.77
C GLY A 74 11.57 9.01 -0.70
N ILE A 75 12.47 8.02 -0.72
CA ILE A 75 12.06 6.62 -0.68
C ILE A 75 11.48 6.31 0.69
N GLU A 76 10.21 5.90 0.72
CA GLU A 76 9.53 5.61 1.97
C GLU A 76 9.93 4.24 2.49
N THR A 77 10.26 4.17 3.77
CA THR A 77 10.59 2.90 4.41
C THR A 77 9.32 2.15 4.82
N GLY A 78 9.42 0.82 4.81
CA GLY A 78 8.30 -0.03 5.17
C GLY A 78 7.46 -0.51 4.02
N SER A 79 7.57 0.12 2.85
CA SER A 79 6.83 -0.28 1.66
C SER A 79 7.81 -0.62 0.54
N ILE A 80 7.26 -1.07 -0.58
CA ILE A 80 8.04 -1.45 -1.75
C ILE A 80 7.99 -0.33 -2.77
N THR A 81 9.15 0.08 -3.27
CA THR A 81 9.26 1.06 -4.35
C THR A 81 9.77 0.34 -5.59
N GLU A 82 8.95 0.33 -6.64
CA GLU A 82 9.26 -0.35 -7.89
C GLU A 82 9.60 0.68 -8.95
N MET A 83 10.87 0.77 -9.31
CA MET A 83 11.33 1.66 -10.37
C MET A 83 11.47 0.85 -11.66
N PHE A 84 10.72 1.24 -12.69
CA PHE A 84 10.74 0.52 -13.96
C PHE A 84 10.92 1.49 -15.11
N GLY A 85 11.48 0.98 -16.21
CA GLY A 85 11.72 1.79 -17.38
C GLY A 85 12.47 0.99 -18.42
N GLU A 86 12.88 1.69 -19.47
CA GLU A 86 13.65 1.07 -20.54
C GLU A 86 15.11 0.91 -20.12
N PHE A 87 15.93 0.42 -21.04
CA PHE A 87 17.35 0.26 -20.76
C PHE A 87 18.04 1.61 -20.73
N ARG A 88 19.00 1.75 -19.82
CA ARG A 88 19.78 2.99 -19.64
C ARG A 88 18.87 4.16 -19.28
N THR A 89 18.04 3.96 -18.26
CA THR A 89 17.18 5.01 -17.74
C THR A 89 17.54 5.46 -16.34
N GLY A 90 18.47 4.79 -15.67
CA GLY A 90 18.96 5.23 -14.39
C GLY A 90 18.58 4.37 -13.20
N LYS A 91 18.00 3.19 -13.41
CA LYS A 91 17.58 2.35 -12.29
C LYS A 91 18.78 1.92 -11.46
N THR A 92 19.80 1.36 -12.12
CA THR A 92 20.99 0.90 -11.39
C THR A 92 21.74 2.06 -10.76
N GLN A 93 21.78 3.22 -11.44
CA GLN A 93 22.47 4.38 -10.87
C GLN A 93 21.72 4.92 -9.66
N ILE A 94 20.38 4.97 -9.72
CA ILE A 94 19.60 5.40 -8.56
C ILE A 94 19.79 4.42 -7.41
N CYS A 95 19.86 3.12 -7.71
CA CYS A 95 20.09 2.13 -6.66
C CYS A 95 21.47 2.33 -6.02
N HIS A 96 22.49 2.58 -6.83
CA HIS A 96 23.82 2.82 -6.28
C HIS A 96 23.86 4.08 -5.43
N THR A 97 23.13 5.12 -5.84
CA THR A 97 23.07 6.34 -5.05
C THR A 97 22.36 6.10 -3.72
N LEU A 98 21.24 5.37 -3.75
CA LEU A 98 20.49 5.11 -2.52
C LEU A 98 21.28 4.23 -1.56
N ALA A 99 22.03 3.26 -2.08
CA ALA A 99 22.82 2.36 -1.26
C ALA A 99 23.85 3.09 -0.41
N VAL A 100 24.12 4.36 -0.69
CA VAL A 100 25.02 5.17 0.11
C VAL A 100 24.28 6.27 0.84
N THR A 101 23.26 6.87 0.22
CA THR A 101 22.49 7.91 0.89
C THR A 101 21.67 7.37 2.05
N CYS A 102 21.39 6.06 2.07
CA CYS A 102 20.65 5.49 3.20
C CYS A 102 21.49 5.46 4.47
N GLN A 103 22.82 5.57 4.35
CA GLN A 103 23.69 5.58 5.52
C GLN A 103 23.83 6.98 6.12
N LEU A 104 23.25 8.00 5.49
CA LEU A 104 23.32 9.35 6.02
C LEU A 104 22.52 9.46 7.32
N PRO A 105 22.84 10.44 8.15
CA PRO A 105 22.01 10.68 9.35
C PRO A 105 20.60 11.11 8.94
N ILE A 106 19.68 10.99 9.91
CA ILE A 106 18.29 11.34 9.65
C ILE A 106 18.17 12.82 9.34
N ASP A 107 18.97 13.67 10.01
CA ASP A 107 18.95 15.10 9.74
C ASP A 107 19.48 15.43 8.36
N ARG A 108 20.28 14.54 7.75
CA ARG A 108 20.79 14.74 6.40
C ARG A 108 19.94 14.04 5.35
N GLY A 109 18.82 13.47 5.74
CA GLY A 109 17.93 12.80 4.80
C GLY A 109 18.17 11.33 4.61
N GLY A 110 18.96 10.69 5.48
CA GLY A 110 19.26 9.28 5.36
C GLY A 110 18.40 8.43 6.27
N GLY A 111 18.82 7.18 6.43
CA GLY A 111 18.10 6.24 7.27
C GLY A 111 18.95 5.69 8.40
N GLU A 112 20.23 6.07 8.43
CA GLU A 112 21.18 5.64 9.46
C GLU A 112 21.28 4.12 9.53
N GLY A 113 21.15 3.45 8.39
CA GLY A 113 21.23 2.01 8.35
C GLY A 113 22.06 1.54 7.17
N LYS A 114 22.52 0.30 7.26
CA LYS A 114 23.32 -0.28 6.21
C LYS A 114 22.45 -0.66 5.00
N ALA A 115 23.09 -0.80 3.85
CA ALA A 115 22.41 -1.09 2.60
C ALA A 115 22.61 -2.56 2.21
N MET A 116 21.69 -3.04 1.38
CA MET A 116 21.72 -4.42 0.92
C MET A 116 21.38 -4.44 -0.57
N TYR A 117 22.30 -4.98 -1.38
CA TYR A 117 22.20 -4.93 -2.83
C TYR A 117 22.21 -6.35 -3.39
N ILE A 118 21.07 -6.78 -3.90
CA ILE A 118 20.95 -8.06 -4.59
C ILE A 118 21.01 -7.78 -6.08
N ASP A 119 22.11 -8.18 -6.72
CA ASP A 119 22.34 -7.91 -8.13
C ASP A 119 22.05 -9.17 -8.95
N THR A 120 21.31 -9.00 -10.05
CA THR A 120 20.97 -10.09 -10.94
C THR A 120 21.48 -9.91 -12.35
N GLU A 121 22.10 -8.76 -12.66
CA GLU A 121 22.60 -8.49 -14.00
C GLU A 121 24.09 -8.21 -14.04
N GLY A 122 24.79 -8.36 -12.91
CA GLY A 122 26.21 -8.12 -12.87
C GLY A 122 26.61 -6.67 -13.10
N THR A 123 25.75 -5.73 -12.73
CA THR A 123 26.00 -4.31 -12.92
C THR A 123 26.25 -3.58 -11.60
N PHE A 124 26.87 -4.27 -10.64
CA PHE A 124 27.21 -3.68 -9.35
C PHE A 124 28.64 -3.15 -9.40
N ARG A 125 28.81 -1.87 -9.14
CA ARG A 125 30.10 -1.20 -9.19
C ARG A 125 30.35 -0.45 -7.89
N PRO A 126 31.26 -0.90 -7.04
CA PRO A 126 31.58 -0.13 -5.83
C PRO A 126 32.21 1.23 -6.12
N GLU A 127 32.69 1.45 -7.35
CA GLU A 127 33.28 2.74 -7.69
C GLU A 127 32.25 3.86 -7.63
N ARG A 128 31.02 3.57 -8.08
CA ARG A 128 29.95 4.56 -7.98
C ARG A 128 29.62 4.85 -6.51
N LEU A 129 29.67 3.82 -5.67
CA LEU A 129 29.46 4.03 -4.23
C LEU A 129 30.54 4.94 -3.66
N LEU A 130 31.80 4.70 -4.02
CA LEU A 130 32.89 5.57 -3.57
C LEU A 130 32.69 7.00 -4.06
N ALA A 131 32.25 7.16 -5.30
CA ALA A 131 32.06 8.49 -5.86
C ALA A 131 30.97 9.26 -5.12
N VAL A 132 29.82 8.61 -4.91
CA VAL A 132 28.73 9.30 -4.22
C VAL A 132 29.06 9.54 -2.75
N ALA A 133 29.86 8.64 -2.15
CA ALA A 133 30.29 8.88 -0.77
C ALA A 133 31.23 10.07 -0.68
N GLU A 134 32.15 10.21 -1.64
CA GLU A 134 32.98 11.40 -1.71
C GLU A 134 32.14 12.65 -1.94
N ARG A 135 31.06 12.51 -2.73
CA ARG A 135 30.13 13.61 -2.91
C ARG A 135 29.52 14.07 -1.59
N TYR A 136 28.95 13.13 -0.84
CA TYR A 136 28.33 13.46 0.44
C TYR A 136 29.34 13.58 1.58
N GLY A 137 30.63 13.40 1.30
CA GLY A 137 31.66 13.56 2.32
C GLY A 137 31.67 12.47 3.36
N LEU A 138 31.69 11.22 2.91
CA LEU A 138 31.74 10.07 3.80
C LEU A 138 33.02 9.28 3.55
N SER A 139 33.38 8.46 4.53
CA SER A 139 34.56 7.61 4.40
C SER A 139 34.29 6.52 3.37
N GLY A 140 35.15 6.45 2.35
CA GLY A 140 34.96 5.46 1.31
C GLY A 140 35.10 4.03 1.81
N SER A 141 35.91 3.83 2.84
CA SER A 141 36.07 2.49 3.40
C SER A 141 34.87 2.09 4.27
N ASP A 142 34.21 3.07 4.89
CA ASP A 142 33.07 2.76 5.75
C ASP A 142 31.81 2.48 4.94
N VAL A 143 31.62 3.19 3.82
CA VAL A 143 30.42 2.99 3.02
C VAL A 143 30.46 1.64 2.30
N LEU A 144 31.67 1.13 2.02
CA LEU A 144 31.79 -0.17 1.37
C LEU A 144 31.63 -1.32 2.36
N ASP A 145 31.83 -1.07 3.65
CA ASP A 145 31.61 -2.10 4.67
C ASP A 145 30.16 -2.15 5.14
N ASN A 146 29.38 -1.09 4.92
CA ASN A 146 27.98 -1.05 5.29
C ASN A 146 27.05 -1.33 4.11
N VAL A 147 27.54 -2.05 3.10
CA VAL A 147 26.74 -2.43 1.94
C VAL A 147 26.98 -3.91 1.70
N ALA A 148 25.96 -4.73 1.98
CA ALA A 148 26.03 -6.18 1.77
C ALA A 148 25.60 -6.49 0.35
N TYR A 149 26.54 -6.90 -0.50
CA TYR A 149 26.29 -7.17 -1.90
C TYR A 149 26.23 -8.68 -2.15
N ALA A 150 25.28 -9.10 -2.98
CA ALA A 150 25.15 -10.51 -3.33
C ALA A 150 24.69 -10.64 -4.77
N ARG A 151 25.43 -11.41 -5.56
CA ARG A 151 25.08 -11.68 -6.95
C ARG A 151 24.23 -12.94 -7.03
N ALA A 152 23.14 -12.86 -7.78
CA ALA A 152 22.23 -13.98 -7.96
C ALA A 152 22.29 -14.47 -9.40
N PHE A 153 22.26 -15.79 -9.57
CA PHE A 153 22.34 -16.41 -10.90
C PHE A 153 21.06 -17.12 -11.31
N ASN A 154 20.18 -17.45 -10.37
CA ASN A 154 18.88 -18.03 -10.70
C ASN A 154 17.90 -17.66 -9.62
N THR A 155 16.62 -18.00 -9.86
CA THR A 155 15.56 -17.57 -8.95
C THR A 155 15.68 -18.24 -7.58
N ASP A 156 16.10 -19.51 -7.55
CA ASP A 156 16.30 -20.19 -6.27
C ASP A 156 17.37 -19.49 -5.44
N HIS A 157 18.48 -19.12 -6.07
CA HIS A 157 19.51 -18.35 -5.37
C HIS A 157 18.97 -17.00 -4.92
N GLN A 158 18.07 -16.40 -5.70
CA GLN A 158 17.46 -15.13 -5.31
C GLN A 158 16.65 -15.27 -4.03
N THR A 159 15.82 -16.31 -3.96
CA THR A 159 15.02 -16.53 -2.76
C THR A 159 15.89 -16.92 -1.56
N GLN A 160 16.96 -17.69 -1.81
CA GLN A 160 17.89 -18.01 -0.72
C GLN A 160 18.60 -16.74 -0.23
N LEU A 161 18.90 -15.81 -1.14
CA LEU A 161 19.45 -14.53 -0.72
C LEU A 161 18.45 -13.75 0.11
N LEU A 162 17.16 -13.84 -0.23
CA LEU A 162 16.14 -13.20 0.59
C LEU A 162 16.09 -13.82 2.00
N TYR A 163 16.22 -15.14 2.08
CA TYR A 163 16.26 -15.80 3.39
C TYR A 163 17.47 -15.34 4.20
N GLN A 164 18.65 -15.30 3.56
CA GLN A 164 19.84 -14.83 4.25
C GLN A 164 19.70 -13.36 4.64
N ALA A 165 18.98 -12.58 3.85
CA ALA A 165 18.72 -11.18 4.19
C ALA A 165 17.85 -11.08 5.44
N SER A 166 16.79 -11.90 5.51
CA SER A 166 15.96 -11.94 6.70
C SER A 166 16.79 -12.35 7.92
N ALA A 167 17.73 -13.27 7.73
CA ALA A 167 18.59 -13.69 8.83
C ALA A 167 19.54 -12.58 9.26
N MET A 168 20.02 -11.78 8.30
CA MET A 168 20.99 -10.74 8.61
C MET A 168 20.36 -9.48 9.21
N MET A 169 19.12 -9.17 8.83
CA MET A 169 18.52 -7.89 9.23
C MET A 169 18.22 -7.79 10.71
N VAL A 170 18.41 -8.86 11.49
CA VAL A 170 18.10 -8.80 12.91
C VAL A 170 19.33 -8.42 13.74
N GLU A 171 20.53 -8.83 13.33
CA GLU A 171 21.73 -8.49 14.08
C GLU A 171 22.08 -7.02 13.90
N SER A 172 22.36 -6.61 12.67
CA SER A 172 22.70 -5.23 12.35
C SER A 172 21.48 -4.51 11.78
N ARG A 173 21.45 -3.20 11.95
CA ARG A 173 20.32 -2.37 11.53
C ARG A 173 20.49 -2.00 10.06
N TYR A 174 19.62 -2.53 9.20
CA TYR A 174 19.55 -2.16 7.80
C TYR A 174 18.37 -1.23 7.55
N ALA A 175 18.53 -0.35 6.57
CA ALA A 175 17.47 0.58 6.18
C ALA A 175 17.03 0.44 4.73
N LEU A 176 17.83 -0.20 3.88
CA LEU A 176 17.53 -0.29 2.45
C LEU A 176 17.85 -1.69 1.95
N LEU A 177 16.92 -2.26 1.17
CA LEU A 177 17.11 -3.55 0.51
C LEU A 177 16.87 -3.34 -0.97
N ILE A 178 17.91 -3.50 -1.78
CA ILE A 178 17.86 -3.25 -3.22
C ILE A 178 17.85 -4.59 -3.94
N VAL A 179 16.89 -4.74 -4.86
CA VAL A 179 16.82 -5.91 -5.74
C VAL A 179 16.95 -5.38 -7.16
N ASP A 180 18.18 -5.32 -7.65
CA ASP A 180 18.45 -4.78 -8.99
C ASP A 180 18.00 -5.79 -10.04
N SER A 181 16.90 -5.45 -10.72
CA SER A 181 16.29 -6.29 -11.75
C SER A 181 15.86 -7.64 -11.15
N ALA A 182 14.77 -7.57 -10.37
CA ALA A 182 14.18 -8.76 -9.79
C ALA A 182 13.59 -9.69 -10.85
N THR A 183 13.30 -9.16 -12.03
CA THR A 183 12.73 -9.95 -13.11
C THR A 183 13.77 -10.41 -14.13
N ALA A 184 15.04 -10.09 -13.93
CA ALA A 184 16.07 -10.50 -14.88
C ALA A 184 16.16 -12.01 -14.97
N LEU A 185 16.23 -12.68 -13.83
CA LEU A 185 16.29 -14.14 -13.80
C LEU A 185 14.96 -14.80 -14.10
N TYR A 186 13.86 -14.03 -14.11
CA TYR A 186 12.55 -14.55 -14.44
C TYR A 186 12.18 -14.36 -15.91
N ARG A 187 12.67 -13.31 -16.55
CA ARG A 187 12.36 -13.03 -17.95
C ARG A 187 13.14 -13.89 -18.93
N THR A 188 13.71 -15.00 -18.48
CA THR A 188 14.35 -15.97 -19.37
C THR A 188 13.30 -16.92 -19.95
N ASP A 189 12.29 -16.32 -20.58
CA ASP A 189 11.14 -17.06 -21.08
C ASP A 189 11.42 -17.67 -22.45
N TYR A 190 12.49 -18.47 -22.55
CA TYR A 190 12.78 -19.18 -23.79
C TYR A 190 11.85 -20.36 -24.00
N SER A 191 11.19 -20.82 -22.95
CA SER A 191 10.25 -21.94 -23.07
C SER A 191 8.92 -21.47 -23.65
N GLY A 192 8.20 -22.41 -24.25
CA GLY A 192 6.91 -22.11 -24.83
C GLY A 192 5.85 -21.79 -23.80
N ARG A 193 5.19 -22.84 -23.29
CA ARG A 193 4.17 -22.70 -22.25
C ARG A 193 4.62 -23.45 -21.01
N GLY A 194 3.76 -23.43 -19.99
CA GLY A 194 4.03 -24.12 -18.74
C GLY A 194 4.76 -23.33 -17.68
N GLU A 195 5.90 -22.73 -18.04
CA GLU A 195 6.68 -21.96 -17.08
C GLU A 195 6.03 -20.64 -16.71
N LEU A 196 5.08 -20.16 -17.53
CA LEU A 196 4.39 -18.91 -17.21
C LEU A 196 3.58 -18.98 -15.93
N SER A 197 3.36 -20.18 -15.38
CA SER A 197 2.69 -20.36 -14.11
C SER A 197 3.67 -20.53 -12.96
N ALA A 198 4.68 -21.39 -13.12
CA ALA A 198 5.64 -21.63 -12.05
C ALA A 198 6.49 -20.40 -11.79
N ARG A 199 6.95 -19.73 -12.86
CA ARG A 199 7.73 -18.51 -12.67
C ARG A 199 6.88 -17.40 -12.07
N GLN A 200 5.60 -17.33 -12.45
CA GLN A 200 4.71 -16.35 -11.84
C GLN A 200 4.54 -16.62 -10.36
N MET A 201 4.38 -17.89 -9.98
CA MET A 201 4.29 -18.23 -8.57
C MET A 201 5.57 -17.84 -7.82
N HIS A 202 6.73 -18.17 -8.39
CA HIS A 202 8.00 -17.82 -7.75
C HIS A 202 8.13 -16.31 -7.57
N LEU A 203 7.76 -15.54 -8.59
CA LEU A 203 7.87 -14.08 -8.49
C LEU A 203 6.87 -13.53 -7.48
N ALA A 204 5.67 -14.09 -7.42
CA ALA A 204 4.69 -13.63 -6.44
C ALA A 204 5.16 -13.93 -5.02
N ARG A 205 5.74 -15.11 -4.80
CA ARG A 205 6.27 -15.44 -3.48
C ARG A 205 7.44 -14.53 -3.14
N PHE A 206 8.27 -14.19 -4.14
CA PHE A 206 9.38 -13.28 -3.91
C PHE A 206 8.88 -11.90 -3.49
N LEU A 207 7.87 -11.38 -4.19
CA LEU A 207 7.32 -10.08 -3.84
C LEU A 207 6.66 -10.10 -2.47
N ARG A 208 5.99 -11.20 -2.13
CA ARG A 208 5.36 -11.29 -0.82
C ARG A 208 6.39 -11.38 0.29
N MET A 209 7.52 -12.07 0.03
CA MET A 209 8.60 -12.09 1.01
C MET A 209 9.21 -10.70 1.17
N LEU A 210 9.34 -9.95 0.07
CA LEU A 210 9.82 -8.58 0.16
C LEU A 210 8.89 -7.72 1.01
N LEU A 211 7.58 -7.85 0.80
CA LEU A 211 6.62 -7.11 1.61
C LEU A 211 6.71 -7.51 3.07
N ARG A 212 6.89 -8.81 3.34
CA ARG A 212 7.03 -9.28 4.71
C ARG A 212 8.26 -8.67 5.37
N LEU A 213 9.38 -8.62 4.66
CA LEU A 213 10.59 -8.01 5.22
C LEU A 213 10.38 -6.53 5.46
N ALA A 214 9.74 -5.83 4.51
CA ALA A 214 9.53 -4.39 4.67
C ALA A 214 8.63 -4.10 5.87
N ASP A 215 7.63 -4.96 6.10
CA ASP A 215 6.74 -4.73 7.24
C ASP A 215 7.42 -5.10 8.56
N GLU A 216 8.25 -6.15 8.55
CA GLU A 216 8.85 -6.62 9.78
C GLU A 216 9.97 -5.69 10.25
N PHE A 217 10.91 -5.39 9.36
CA PHE A 217 12.10 -4.64 9.74
C PHE A 217 12.00 -3.15 9.41
N GLY A 218 10.91 -2.71 8.78
CA GLY A 218 10.80 -1.32 8.39
C GLY A 218 11.81 -0.88 7.37
N VAL A 219 12.36 -1.82 6.60
CA VAL A 219 13.39 -1.52 5.62
C VAL A 219 12.73 -1.08 4.32
N ALA A 220 13.29 -0.04 3.69
CA ALA A 220 12.80 0.40 2.39
C ALA A 220 13.26 -0.59 1.32
N VAL A 221 12.30 -1.26 0.68
CA VAL A 221 12.59 -2.25 -0.35
C VAL A 221 12.44 -1.57 -1.71
N VAL A 222 13.55 -1.46 -2.45
CA VAL A 222 13.56 -0.87 -3.78
C VAL A 222 13.91 -1.96 -4.78
N ILE A 223 13.02 -2.20 -5.73
CA ILE A 223 13.22 -3.22 -6.75
C ILE A 223 13.27 -2.55 -8.12
N THR A 224 14.05 -3.15 -9.02
CA THR A 224 14.20 -2.67 -10.38
C THR A 224 13.54 -3.63 -11.35
N ASN A 225 12.87 -3.08 -12.37
CA ASN A 225 12.18 -3.87 -13.37
C ASN A 225 12.52 -3.35 -14.76
N GLN A 226 13.01 -4.24 -15.63
CA GLN A 226 13.32 -3.88 -17.00
C GLN A 226 12.06 -3.92 -17.85
N VAL A 227 11.81 -2.86 -18.61
CA VAL A 227 10.64 -2.74 -19.46
C VAL A 227 11.10 -2.57 -20.90
N VAL A 228 10.60 -3.45 -21.78
CA VAL A 228 10.91 -3.38 -23.21
C VAL A 228 9.84 -2.53 -23.88
N ALA A 229 10.23 -1.35 -24.34
CA ALA A 229 9.33 -0.39 -24.99
C ALA A 229 8.12 -0.07 -24.12
N ILE A 249 5.51 -6.74 -11.16
CA ILE A 249 4.46 -7.19 -12.07
C ILE A 249 3.11 -7.14 -11.36
N ILE A 250 2.86 -8.14 -10.49
CA ILE A 250 1.66 -8.15 -9.67
C ILE A 250 1.86 -7.17 -8.51
N ALA A 251 1.85 -5.87 -8.82
CA ALA A 251 2.16 -4.86 -7.83
C ALA A 251 1.10 -4.82 -6.74
N HIS A 252 1.55 -4.88 -5.49
CA HIS A 252 0.65 -4.77 -4.35
C HIS A 252 0.05 -3.36 -4.30
N ALA A 253 -1.07 -3.25 -3.58
CA ALA A 253 -1.78 -1.97 -3.52
C ALA A 253 -0.95 -0.88 -2.84
N SER A 254 -0.11 -1.25 -1.88
CA SER A 254 0.72 -0.30 -1.17
C SER A 254 2.04 0.00 -1.86
N THR A 255 2.32 -0.66 -2.99
CA THR A 255 3.59 -0.45 -3.67
C THR A 255 3.58 0.88 -4.41
N THR A 256 4.65 1.66 -4.24
CA THR A 256 4.83 2.92 -4.94
C THR A 256 5.62 2.66 -6.21
N ARG A 257 5.05 3.02 -7.36
CA ARG A 257 5.61 2.68 -8.66
C ARG A 257 6.11 3.93 -9.35
N LEU A 258 7.39 3.92 -9.74
CA LEU A 258 8.03 5.02 -10.45
C LEU A 258 8.44 4.56 -11.83
N TYR A 259 8.24 5.43 -12.82
CA TYR A 259 8.54 5.16 -14.21
C TYR A 259 9.63 6.12 -14.67
N LEU A 260 10.76 5.57 -15.10
CA LEU A 260 11.91 6.36 -15.54
C LEU A 260 11.95 6.39 -17.06
N ARG A 261 12.12 7.58 -17.62
CA ARG A 261 12.17 7.76 -19.06
C ARG A 261 13.27 8.76 -19.41
N LYS A 262 13.83 8.62 -20.59
CA LYS A 262 14.83 9.56 -21.09
C LYS A 262 14.14 10.66 -21.89
N GLY A 263 14.42 11.91 -21.54
CA GLY A 263 13.87 13.04 -22.25
C GLY A 263 14.73 13.46 -23.42
N ARG A 264 14.98 14.77 -23.52
CA ARG A 264 15.83 15.32 -24.58
C ARG A 264 17.14 15.77 -23.95
N GLY A 265 18.23 15.13 -24.38
CA GLY A 265 19.54 15.46 -23.83
C GLY A 265 19.82 14.64 -22.59
N GLU A 266 20.34 15.31 -21.55
CA GLU A 266 20.63 14.65 -20.29
C GLU A 266 19.45 14.63 -19.33
N THR A 267 18.36 15.32 -19.66
CA THR A 267 17.22 15.42 -18.77
C THR A 267 16.46 14.09 -18.74
N ARG A 268 16.40 13.47 -17.56
CA ARG A 268 15.61 12.27 -17.36
C ARG A 268 14.36 12.61 -16.57
N ILE A 269 13.25 11.95 -16.91
CA ILE A 269 11.94 12.26 -16.34
C ILE A 269 11.46 11.06 -15.53
N CYS A 270 11.12 11.30 -14.27
CA CYS A 270 10.56 10.30 -13.37
C CYS A 270 9.10 10.63 -13.12
N LYS A 271 8.22 9.66 -13.37
CA LYS A 271 6.79 9.83 -13.21
C LYS A 271 6.26 8.88 -12.15
N ILE A 272 5.26 9.33 -11.39
CA ILE A 272 4.60 8.50 -10.39
C ILE A 272 3.51 7.72 -11.11
N TYR A 273 3.78 6.45 -11.42
CA TYR A 273 2.81 5.66 -12.15
C TYR A 273 1.63 5.27 -11.26
N ASP A 274 1.90 4.89 -10.02
CA ASP A 274 0.85 4.52 -9.08
C ASP A 274 1.38 4.67 -7.67
N SER A 275 0.58 5.29 -6.79
CA SER A 275 0.97 5.50 -5.41
C SER A 275 -0.28 5.60 -4.56
N PRO A 276 -0.29 4.97 -3.38
CA PRO A 276 -1.50 5.06 -2.53
C PRO A 276 -1.73 6.46 -1.97
N SER A 277 -0.68 7.26 -1.80
CA SER A 277 -0.81 8.59 -1.22
C SER A 277 -0.43 9.72 -2.16
N LEU A 278 0.22 9.42 -3.29
CA LEU A 278 0.66 10.48 -4.20
C LEU A 278 -0.06 10.39 -5.53
N PRO A 279 -0.49 11.52 -6.09
CA PRO A 279 -1.10 11.51 -7.41
C PRO A 279 -0.03 11.41 -8.50
N GLU A 280 -0.50 11.17 -9.73
CA GLU A 280 0.40 11.03 -10.86
C GLU A 280 1.01 12.37 -11.22
N ALA A 281 2.33 12.48 -11.07
CA ALA A 281 3.05 13.70 -11.42
C ALA A 281 4.42 13.30 -11.95
N GLU A 282 5.15 14.30 -12.45
CA GLU A 282 6.46 14.07 -13.05
C GLU A 282 7.49 15.03 -12.46
N ALA A 283 8.75 14.65 -12.59
CA ALA A 283 9.87 15.46 -12.16
C ALA A 283 11.08 15.17 -13.04
N MET A 284 12.04 16.08 -13.01
CA MET A 284 13.24 15.97 -13.82
C MET A 284 14.46 15.74 -12.93
N PHE A 285 15.41 14.97 -13.44
CA PHE A 285 16.64 14.67 -12.72
C PHE A 285 17.72 14.28 -13.72
N ALA A 286 18.94 14.12 -13.22
CA ALA A 286 20.08 13.76 -14.05
C ALA A 286 21.02 12.86 -13.25
N ILE A 287 21.96 12.26 -13.96
CA ILE A 287 22.94 11.36 -13.37
C ILE A 287 24.31 11.95 -13.64
N ASN A 288 24.88 12.62 -12.64
CA ASN A 288 26.23 13.14 -12.74
C ASN A 288 27.24 12.09 -12.30
N ALA A 289 28.53 12.42 -12.40
CA ALA A 289 29.58 11.47 -12.04
C ALA A 289 29.50 11.03 -10.59
N ASP A 290 28.86 11.81 -9.73
CA ASP A 290 28.71 11.47 -8.32
C ASP A 290 27.33 10.90 -8.00
N GLY A 291 26.53 10.56 -9.01
CA GLY A 291 25.25 9.93 -8.75
C GLY A 291 24.05 10.75 -9.16
N VAL A 292 22.91 10.49 -8.51
CA VAL A 292 21.67 11.18 -8.87
C VAL A 292 21.72 12.63 -8.40
N GLY A 293 21.27 13.54 -9.24
CA GLY A 293 21.21 14.94 -8.88
C GLY A 293 20.22 15.67 -9.76
N ASP A 294 20.22 17.00 -9.62
CA ASP A 294 19.35 17.83 -10.44
C ASP A 294 20.00 18.09 -11.81
N ALA A 295 19.16 18.43 -12.77
CA ALA A 295 19.62 18.71 -14.12
C ALA A 295 20.46 19.98 -14.13
N LYS A 296 21.76 19.85 -14.38
CA LYS A 296 22.67 20.99 -14.40
C LYS A 296 22.53 21.69 -15.74
N ASP A 297 21.68 22.71 -15.78
CA ASP A 297 21.44 23.46 -17.01
C ASP A 297 22.42 24.61 -17.15
N SER B 1 -34.34 1.42 14.17
CA SER B 1 -34.05 2.77 13.72
C SER B 1 -34.35 2.94 12.24
N GLU B 2 -34.62 4.17 11.82
CA GLU B 2 -34.89 4.45 10.41
C GLU B 2 -33.62 4.36 9.59
N ILE B 3 -33.79 4.10 8.30
CA ILE B 3 -32.66 3.90 7.39
C ILE B 3 -32.11 5.26 6.96
N ILE B 4 -30.83 5.49 7.24
CA ILE B 4 -30.14 6.69 6.80
C ILE B 4 -29.31 6.33 5.57
N GLN B 5 -29.18 7.29 4.66
CA GLN B 5 -28.38 7.10 3.45
C GLN B 5 -27.27 8.15 3.42
N ILE B 6 -26.05 7.71 3.14
CA ILE B 6 -24.86 8.55 3.24
C ILE B 6 -24.50 9.08 1.86
N THR B 7 -24.24 10.38 1.78
CA THR B 7 -23.82 11.00 0.54
C THR B 7 -22.43 10.48 0.15
N THR B 8 -22.28 10.10 -1.11
CA THR B 8 -21.03 9.55 -1.61
C THR B 8 -20.07 10.62 -2.14
N GLY B 9 -20.51 11.88 -2.22
CA GLY B 9 -19.71 12.95 -2.75
C GLY B 9 -19.95 13.27 -4.21
N SER B 10 -20.51 12.34 -4.96
CA SER B 10 -20.82 12.51 -6.37
C SER B 10 -22.33 12.62 -6.55
N LYS B 11 -22.77 13.69 -7.22
CA LYS B 11 -24.20 13.89 -7.43
C LYS B 11 -24.82 12.76 -8.25
N GLU B 12 -24.14 12.35 -9.32
CA GLU B 12 -24.65 11.27 -10.16
C GLU B 12 -24.71 9.95 -9.39
N LEU B 13 -23.71 9.69 -8.55
CA LEU B 13 -23.72 8.46 -7.77
C LEU B 13 -24.78 8.53 -6.67
N ASP B 14 -25.00 9.71 -6.09
CA ASP B 14 -26.04 9.85 -5.07
C ASP B 14 -27.42 9.66 -5.66
N LYS B 15 -27.66 10.18 -6.87
CA LYS B 15 -28.95 9.99 -7.52
C LYS B 15 -29.10 8.58 -8.05
N LEU B 16 -27.98 7.91 -8.38
CA LEU B 16 -28.05 6.52 -8.82
C LEU B 16 -28.51 5.61 -7.69
N LEU B 17 -28.09 5.90 -6.46
CA LEU B 17 -28.50 5.13 -5.29
C LEU B 17 -29.69 5.77 -4.58
N GLN B 18 -30.31 6.80 -5.17
CA GLN B 18 -31.49 7.46 -4.61
C GLN B 18 -31.20 8.02 -3.22
N GLY B 19 -29.98 8.55 -3.04
CA GLY B 19 -29.58 9.06 -1.75
C GLY B 19 -28.14 8.75 -1.38
N GLY B 20 -27.69 7.53 -1.70
CA GLY B 20 -26.33 7.14 -1.41
C GLY B 20 -26.21 5.79 -0.72
N ILE B 21 -25.12 5.57 0.02
CA ILE B 21 -24.91 4.29 0.69
C ILE B 21 -25.95 4.11 1.79
N GLU B 22 -26.65 2.98 1.74
CA GLU B 22 -27.72 2.68 2.68
C GLU B 22 -27.14 2.02 3.93
N THR B 23 -27.55 2.51 5.09
CA THR B 23 -27.11 1.94 6.36
C THR B 23 -27.93 0.69 6.69
N GLY B 24 -27.42 -0.09 7.65
CA GLY B 24 -28.08 -1.29 8.10
C GLY B 24 -27.82 -2.52 7.26
N SER B 25 -27.41 -2.36 6.00
CA SER B 25 -27.14 -3.47 5.10
C SER B 25 -25.66 -3.44 4.69
N ILE B 26 -25.31 -4.36 3.80
CA ILE B 26 -23.94 -4.50 3.31
C ILE B 26 -23.87 -3.98 1.89
N THR B 27 -22.86 -3.15 1.61
CA THR B 27 -22.60 -2.62 0.28
C THR B 27 -21.25 -3.13 -0.19
N GLU B 28 -21.26 -4.04 -1.17
CA GLU B 28 -20.05 -4.62 -1.72
C GLU B 28 -19.65 -3.86 -2.98
N MET B 29 -18.51 -3.19 -2.92
CA MET B 29 -17.93 -2.52 -4.08
C MET B 29 -16.82 -3.40 -4.64
N PHE B 30 -16.93 -3.79 -5.90
CA PHE B 30 -15.94 -4.65 -6.51
C PHE B 30 -15.54 -4.13 -7.89
N GLY B 31 -14.29 -4.38 -8.24
CA GLY B 31 -13.76 -3.92 -9.51
C GLY B 31 -12.30 -4.29 -9.64
N GLU B 32 -11.67 -3.81 -10.71
CA GLU B 32 -10.27 -4.09 -10.96
C GLU B 32 -9.41 -3.08 -10.19
N PHE B 33 -8.11 -3.09 -10.45
CA PHE B 33 -7.19 -2.18 -9.78
C PHE B 33 -7.31 -0.77 -10.37
N ARG B 34 -7.07 0.23 -9.51
CA ARG B 34 -7.17 1.63 -9.89
CA ARG B 34 -7.18 1.64 -9.89
C ARG B 34 -8.55 1.95 -10.47
N THR B 35 -9.59 1.48 -9.77
CA THR B 35 -10.96 1.75 -10.17
C THR B 35 -11.67 2.74 -9.25
N GLY B 36 -11.16 2.98 -8.05
CA GLY B 36 -11.73 3.94 -7.14
C GLY B 36 -12.33 3.37 -5.87
N LYS B 37 -12.07 2.11 -5.53
CA LYS B 37 -12.67 1.53 -4.34
C LYS B 37 -12.14 2.17 -3.08
N THR B 38 -10.81 2.23 -2.93
CA THR B 38 -10.22 2.83 -1.74
C THR B 38 -10.53 4.32 -1.66
N GLN B 39 -10.58 5.01 -2.80
CA GLN B 39 -10.90 6.43 -2.78
C GLN B 39 -12.34 6.67 -2.35
N ILE B 40 -13.27 5.85 -2.84
CA ILE B 40 -14.66 5.97 -2.40
C ILE B 40 -14.78 5.66 -0.92
N CYS B 41 -14.01 4.68 -0.43
CA CYS B 41 -14.02 4.39 1.00
C CYS B 41 -13.51 5.58 1.81
N HIS B 42 -12.43 6.21 1.35
CA HIS B 42 -11.90 7.38 2.05
C HIS B 42 -12.92 8.52 2.04
N THR B 43 -13.61 8.72 0.92
CA THR B 43 -14.62 9.77 0.86
C THR B 43 -15.78 9.48 1.81
N LEU B 44 -16.23 8.23 1.85
CA LEU B 44 -17.35 7.86 2.72
C LEU B 44 -16.98 7.99 4.19
N ALA B 45 -15.74 7.62 4.54
CA ALA B 45 -15.28 7.71 5.93
C ALA B 45 -15.31 9.12 6.48
N VAL B 46 -15.50 10.13 5.63
CA VAL B 46 -15.63 11.51 6.06
C VAL B 46 -17.04 12.03 5.83
N THR B 47 -17.69 11.61 4.74
CA THR B 47 -19.05 12.07 4.48
C THR B 47 -20.07 11.45 5.43
N CYS B 48 -19.72 10.34 6.10
CA CYS B 48 -20.63 9.75 7.08
C CYS B 48 -20.68 10.53 8.38
N GLN B 49 -19.82 11.54 8.55
CA GLN B 49 -19.83 12.37 9.74
C GLN B 49 -20.64 13.65 9.57
N LEU B 50 -21.10 13.94 8.35
CA LEU B 50 -21.92 15.11 8.12
C LEU B 50 -23.25 14.99 8.84
N PRO B 51 -23.93 16.11 9.09
CA PRO B 51 -25.30 16.04 9.64
C PRO B 51 -26.24 15.34 8.67
N ILE B 52 -27.36 14.87 9.21
CA ILE B 52 -28.32 14.11 8.42
C ILE B 52 -28.87 14.95 7.27
N ASP B 53 -29.05 16.26 7.50
CA ASP B 53 -29.59 17.11 6.44
C ASP B 53 -28.59 17.30 5.31
N ARG B 54 -27.29 17.24 5.60
CA ARG B 54 -26.27 17.36 4.57
C ARG B 54 -25.94 16.04 3.90
N GLY B 55 -26.63 14.96 4.26
CA GLY B 55 -26.39 13.66 3.65
C GLY B 55 -25.45 12.76 4.42
N GLY B 56 -25.16 13.05 5.68
CA GLY B 56 -24.29 12.24 6.49
C GLY B 56 -25.04 11.27 7.39
N GLY B 57 -24.32 10.72 8.36
CA GLY B 57 -24.90 9.77 9.29
C GLY B 57 -24.75 10.19 10.73
N GLU B 58 -24.02 11.28 10.98
CA GLU B 58 -23.78 11.79 12.33
C GLU B 58 -23.16 10.72 13.23
N GLY B 59 -22.18 10.01 12.70
CA GLY B 59 -21.53 8.96 13.46
C GLY B 59 -20.08 8.80 13.04
N LYS B 60 -19.30 8.19 13.93
CA LYS B 60 -17.89 7.94 13.64
C LYS B 60 -17.75 6.91 12.53
N ALA B 61 -16.59 6.95 11.88
CA ALA B 61 -16.25 6.00 10.83
C ALA B 61 -15.27 4.97 11.36
N MET B 62 -15.30 3.78 10.76
CA MET B 62 -14.40 2.70 11.12
C MET B 62 -13.77 2.14 9.85
N TYR B 63 -12.44 2.13 9.80
CA TYR B 63 -11.69 1.72 8.61
C TYR B 63 -10.81 0.53 8.99
N ILE B 64 -11.19 -0.64 8.52
CA ILE B 64 -10.40 -1.86 8.68
C ILE B 64 -9.67 -2.08 7.36
N ASP B 65 -8.38 -1.75 7.33
CA ASP B 65 -7.57 -1.86 6.13
C ASP B 65 -6.76 -3.16 6.16
N THR B 66 -6.59 -3.76 4.99
CA THR B 66 -5.81 -5.00 4.87
C THR B 66 -4.71 -4.92 3.82
N GLU B 67 -4.55 -3.78 3.14
CA GLU B 67 -3.56 -3.64 2.09
C GLU B 67 -2.59 -2.50 2.32
N GLY B 68 -2.64 -1.82 3.46
CA GLY B 68 -1.72 -0.74 3.73
C GLY B 68 -1.93 0.49 2.88
N THR B 69 -3.17 0.74 2.43
CA THR B 69 -3.49 1.87 1.57
C THR B 69 -4.45 2.85 2.24
N PHE B 70 -4.33 3.00 3.56
CA PHE B 70 -5.11 3.98 4.30
C PHE B 70 -4.26 5.22 4.53
N ARG B 71 -4.68 6.34 3.94
CA ARG B 71 -3.95 7.60 4.05
C ARG B 71 -4.88 8.68 4.62
N PRO B 72 -4.68 9.12 5.86
CA PRO B 72 -5.51 10.21 6.39
C PRO B 72 -5.37 11.51 5.63
N GLU B 73 -4.38 11.63 4.74
CA GLU B 73 -4.24 12.84 3.93
C GLU B 73 -5.45 13.01 3.00
N ARG B 74 -5.94 11.90 2.43
CA ARG B 74 -7.15 11.97 1.63
C ARG B 74 -8.34 12.40 2.46
N LEU B 75 -8.40 11.95 3.72
CA LEU B 75 -9.47 12.37 4.61
C LEU B 75 -9.40 13.88 4.87
N LEU B 76 -8.20 14.40 5.11
CA LEU B 76 -8.03 15.83 5.29
C LEU B 76 -8.44 16.59 4.04
N ALA B 77 -8.10 16.07 2.86
CA ALA B 77 -8.44 16.73 1.61
C ALA B 77 -9.96 16.80 1.43
N VAL B 78 -10.65 15.67 1.64
CA VAL B 78 -12.09 15.68 1.44
C VAL B 78 -12.80 16.47 2.55
N ALA B 79 -12.20 16.55 3.74
CA ALA B 79 -12.78 17.37 4.79
C ALA B 79 -12.66 18.85 4.47
N GLU B 80 -11.51 19.27 3.93
CA GLU B 80 -11.38 20.63 3.42
C GLU B 80 -12.36 20.88 2.27
N ARG B 81 -12.58 19.86 1.45
CA ARG B 81 -13.55 19.98 0.35
C ARG B 81 -14.95 20.25 0.90
N TYR B 82 -15.37 19.51 1.91
CA TYR B 82 -16.67 19.70 2.53
C TYR B 82 -16.68 20.78 3.60
N GLY B 83 -15.55 21.44 3.84
CA GLY B 83 -15.49 22.51 4.81
C GLY B 83 -15.62 22.04 6.24
N LEU B 84 -14.86 21.00 6.59
CA LEU B 84 -14.87 20.44 7.94
C LEU B 84 -13.48 20.58 8.56
N SER B 85 -13.46 20.70 9.88
CA SER B 85 -12.19 20.77 10.60
C SER B 85 -11.48 19.42 10.52
N GLY B 86 -10.25 19.42 10.00
CA GLY B 86 -9.53 18.17 9.82
C GLY B 86 -9.28 17.42 11.12
N SER B 87 -9.11 18.17 12.22
CA SER B 87 -8.88 17.53 13.51
C SER B 87 -10.07 16.69 13.94
N ASP B 88 -11.27 17.29 13.90
CA ASP B 88 -12.47 16.56 14.29
C ASP B 88 -12.77 15.41 13.35
N VAL B 89 -12.42 15.54 12.07
CA VAL B 89 -12.68 14.47 11.11
C VAL B 89 -11.73 13.30 11.36
N LEU B 90 -10.45 13.58 11.57
CA LEU B 90 -9.49 12.51 11.82
C LEU B 90 -9.65 11.91 13.20
N ASP B 91 -10.25 12.63 14.16
CA ASP B 91 -10.47 12.08 15.49
C ASP B 91 -11.69 11.17 15.56
N ASN B 92 -12.61 11.28 14.59
CA ASN B 92 -13.81 10.47 14.57
C ASN B 92 -13.71 9.28 13.61
N VAL B 93 -12.49 8.82 13.33
CA VAL B 93 -12.25 7.67 12.47
C VAL B 93 -11.36 6.70 13.23
N ALA B 94 -11.86 5.49 13.47
CA ALA B 94 -11.11 4.43 14.13
C ALA B 94 -10.51 3.52 13.06
N TYR B 95 -9.19 3.51 12.96
CA TYR B 95 -8.49 2.75 11.94
C TYR B 95 -7.81 1.53 12.55
N ALA B 96 -7.81 0.42 11.80
CA ALA B 96 -7.13 -0.79 12.24
C ALA B 96 -6.62 -1.54 11.02
N ARG B 97 -5.37 -1.99 11.09
CA ARG B 97 -4.75 -2.77 10.02
C ARG B 97 -4.81 -4.24 10.37
N ALA B 98 -5.31 -5.06 9.44
CA ALA B 98 -5.38 -6.50 9.61
C ALA B 98 -4.30 -7.17 8.79
N PHE B 99 -3.59 -8.12 9.41
CA PHE B 99 -2.50 -8.81 8.73
C PHE B 99 -2.86 -10.22 8.28
N ASN B 100 -3.83 -10.86 8.92
CA ASN B 100 -4.28 -12.19 8.50
C ASN B 100 -5.77 -12.31 8.76
N THR B 101 -6.34 -13.42 8.31
CA THR B 101 -7.79 -13.61 8.42
C THR B 101 -8.24 -13.66 9.87
N ASP B 102 -7.43 -14.26 10.74
CA ASP B 102 -7.79 -14.33 12.15
C ASP B 102 -7.88 -12.95 12.78
N HIS B 103 -6.90 -12.07 12.49
CA HIS B 103 -6.94 -10.72 13.02
C HIS B 103 -8.11 -9.94 12.43
N GLN B 104 -8.38 -10.12 11.13
CA GLN B 104 -9.51 -9.45 10.50
C GLN B 104 -10.82 -9.87 11.15
N THR B 105 -10.94 -11.13 11.54
CA THR B 105 -12.14 -11.59 12.23
C THR B 105 -12.21 -11.05 13.65
N GLN B 106 -11.09 -11.09 14.38
CA GLN B 106 -11.09 -10.65 15.77
C GLN B 106 -11.30 -9.14 15.92
N LEU B 107 -11.00 -8.36 14.89
CA LEU B 107 -11.22 -6.92 14.99
C LEU B 107 -12.70 -6.57 15.14
N LEU B 108 -13.59 -7.37 14.54
CA LEU B 108 -15.01 -7.07 14.63
C LEU B 108 -15.56 -7.27 16.04
N TYR B 109 -14.96 -8.19 16.80
CA TYR B 109 -15.32 -8.34 18.21
C TYR B 109 -15.11 -7.02 18.96
N GLN B 110 -13.93 -6.42 18.79
CA GLN B 110 -13.66 -5.14 19.43
CA GLN B 110 -13.66 -5.13 19.42
C GLN B 110 -14.57 -4.05 18.85
N ALA B 111 -14.85 -4.13 17.55
CA ALA B 111 -15.74 -3.16 16.90
C ALA B 111 -17.13 -3.17 17.52
N GLU B 112 -17.60 -4.34 17.94
CA GLU B 112 -18.91 -4.43 18.59
C GLU B 112 -18.96 -3.55 19.84
N ASP B 113 -17.98 -3.73 20.74
CA ASP B 113 -17.94 -2.92 21.95
C ASP B 113 -17.72 -1.45 21.64
N MET B 114 -16.91 -1.17 20.61
CA MET B 114 -16.68 0.22 20.23
C MET B 114 -17.96 0.90 19.76
N MET B 115 -18.79 0.17 19.01
CA MET B 115 -20.08 0.71 18.59
C MET B 115 -21.09 0.75 19.73
N VAL B 116 -20.94 -0.12 20.73
CA VAL B 116 -21.76 -0.02 21.92
C VAL B 116 -21.46 1.27 22.68
N GLU B 117 -20.18 1.60 22.83
CA GLU B 117 -19.79 2.79 23.58
C GLU B 117 -20.17 4.06 22.81
N SER B 118 -19.58 4.25 21.63
CA SER B 118 -19.76 5.46 20.84
C SER B 118 -20.63 5.19 19.62
N ARG B 119 -21.19 6.26 19.06
CA ARG B 119 -22.04 6.17 17.90
C ARG B 119 -21.18 6.04 16.64
N TYR B 120 -21.34 4.93 15.92
CA TYR B 120 -20.70 4.73 14.63
C TYR B 120 -21.76 4.66 13.54
N ALA B 121 -21.39 5.13 12.35
CA ALA B 121 -22.29 5.14 11.20
C ALA B 121 -21.76 4.38 10.00
N LEU B 122 -20.47 4.07 9.95
CA LEU B 122 -19.88 3.45 8.76
C LEU B 122 -18.74 2.52 9.20
N LEU B 123 -18.80 1.28 8.72
CA LEU B 123 -17.76 0.28 8.92
C LEU B 123 -17.20 -0.10 7.56
N ILE B 124 -15.93 0.24 7.32
CA ILE B 124 -15.28 0.02 6.04
C ILE B 124 -14.32 -1.14 6.18
N VAL B 125 -14.49 -2.16 5.34
CA VAL B 125 -13.55 -3.27 5.27
C VAL B 125 -12.88 -3.23 3.91
N ASP B 126 -11.75 -2.53 3.83
CA ASP B 126 -11.03 -2.37 2.58
C ASP B 126 -10.35 -3.68 2.22
N SER B 127 -10.81 -4.31 1.13
CA SER B 127 -10.33 -5.60 0.66
C SER B 127 -10.51 -6.67 1.74
N ALA B 128 -11.78 -6.98 1.98
CA ALA B 128 -12.12 -8.08 2.89
C ALA B 128 -11.67 -9.42 2.36
N THR B 129 -11.43 -9.52 1.05
CA THR B 129 -11.03 -10.77 0.42
C THR B 129 -9.52 -10.87 0.21
N ALA B 130 -8.78 -9.77 0.36
CA ALA B 130 -7.35 -9.80 0.09
C ALA B 130 -6.64 -10.81 0.98
N LEU B 131 -6.98 -10.83 2.26
CA LEU B 131 -6.41 -11.83 3.16
C LEU B 131 -7.00 -13.22 2.94
N TYR B 132 -8.19 -13.29 2.33
CA TYR B 132 -8.79 -14.58 2.01
C TYR B 132 -8.42 -15.06 0.61
N ARG B 133 -8.16 -14.14 -0.33
CA ARG B 133 -7.65 -14.50 -1.65
C ARG B 133 -6.20 -14.92 -1.62
N THR B 134 -5.64 -15.16 -0.44
CA THR B 134 -4.29 -15.67 -0.33
C THR B 134 -4.24 -17.13 -0.77
N ASP B 135 -4.79 -17.42 -1.95
CA ASP B 135 -4.75 -18.78 -2.48
C ASP B 135 -3.32 -19.27 -2.62
N TYR B 136 -2.44 -18.44 -3.20
CA TYR B 136 -1.03 -18.75 -3.33
C TYR B 136 -0.84 -20.12 -3.97
N SER B 137 -0.62 -21.14 -3.14
CA SER B 137 -0.59 -22.52 -3.59
C SER B 137 -1.89 -23.26 -3.28
N GLY B 138 -2.55 -22.95 -2.17
CA GLY B 138 -3.82 -23.53 -1.82
C GLY B 138 -4.96 -22.92 -2.60
N ARG B 139 -5.01 -23.18 -3.90
CA ARG B 139 -6.03 -22.65 -4.79
C ARG B 139 -7.28 -23.52 -4.83
N GLY B 140 -7.54 -24.29 -3.78
CA GLY B 140 -8.70 -25.15 -3.73
C GLY B 140 -9.05 -25.53 -2.31
N GLU B 141 -8.58 -24.75 -1.33
CA GLU B 141 -8.93 -25.01 0.06
C GLU B 141 -10.43 -24.95 0.28
N LEU B 142 -11.10 -24.01 -0.40
CA LEU B 142 -12.56 -23.97 -0.49
C LEU B 142 -13.24 -23.95 0.87
N SER B 143 -13.79 -25.09 1.29
CA SER B 143 -14.62 -25.12 2.48
C SER B 143 -13.83 -24.76 3.74
N ALA B 144 -12.52 -24.94 3.72
CA ALA B 144 -11.71 -24.56 4.88
C ALA B 144 -11.76 -23.05 5.10
N ARG B 145 -11.61 -22.28 4.03
CA ARG B 145 -11.72 -20.82 4.11
C ARG B 145 -13.12 -20.31 3.87
N GLN B 146 -14.00 -21.12 3.27
CA GLN B 146 -15.38 -20.70 3.05
C GLN B 146 -16.13 -20.54 4.38
N MET B 147 -15.77 -21.34 5.38
CA MET B 147 -16.43 -21.24 6.68
C MET B 147 -15.99 -20.01 7.45
N HIS B 148 -14.73 -19.60 7.29
CA HIS B 148 -14.25 -18.42 8.00
C HIS B 148 -14.83 -17.14 7.42
N LEU B 149 -14.82 -17.03 6.09
CA LEU B 149 -15.45 -15.88 5.44
C LEU B 149 -16.95 -15.83 5.72
N ALA B 150 -17.59 -17.00 5.85
CA ALA B 150 -19.00 -17.02 6.20
C ALA B 150 -19.24 -16.40 7.58
N ARG B 151 -18.40 -16.76 8.56
CA ARG B 151 -18.56 -16.19 9.89
C ARG B 151 -18.22 -14.69 9.89
N PHE B 152 -17.25 -14.29 9.08
CA PHE B 152 -16.93 -12.86 8.95
C PHE B 152 -18.12 -12.08 8.42
N LEU B 153 -18.73 -12.57 7.34
CA LEU B 153 -19.92 -11.91 6.80
C LEU B 153 -21.09 -11.96 7.76
N ARG B 154 -21.21 -13.04 8.53
CA ARG B 154 -22.26 -13.12 9.54
C ARG B 154 -22.10 -12.03 10.59
N MET B 155 -20.86 -11.81 11.05
CA MET B 155 -20.61 -10.75 12.01
CA MET B 155 -20.61 -10.74 12.02
C MET B 155 -20.87 -9.37 11.40
N LEU B 156 -20.50 -9.19 10.14
CA LEU B 156 -20.78 -7.93 9.47
C LEU B 156 -22.28 -7.66 9.43
N LEU B 157 -23.06 -8.66 9.05
CA LEU B 157 -24.51 -8.52 9.02
C LEU B 157 -25.07 -8.26 10.42
N ARG B 158 -24.53 -8.95 11.43
CA ARG B 158 -25.00 -8.75 12.80
CA ARG B 158 -24.99 -8.75 12.80
C ARG B 158 -24.77 -7.31 13.25
N LEU B 159 -23.56 -6.78 13.01
CA LEU B 159 -23.28 -5.40 13.41
C LEU B 159 -24.13 -4.42 12.64
N ALA B 160 -24.28 -4.62 11.33
CA ALA B 160 -25.09 -3.71 10.53
C ALA B 160 -26.55 -3.73 10.96
N ASP B 161 -27.07 -4.89 11.38
CA ASP B 161 -28.46 -4.97 11.79
C ASP B 161 -28.66 -4.43 13.20
N GLU B 162 -27.71 -4.66 14.10
CA GLU B 162 -27.87 -4.25 15.49
C GLU B 162 -27.64 -2.75 15.66
N PHE B 163 -26.52 -2.24 15.14
CA PHE B 163 -26.15 -0.84 15.35
C PHE B 163 -26.58 0.06 14.20
N GLY B 164 -27.17 -0.49 13.15
CA GLY B 164 -27.64 0.33 12.04
C GLY B 164 -26.54 1.05 11.29
N VAL B 165 -25.33 0.51 11.31
CA VAL B 165 -24.20 1.12 10.62
C VAL B 165 -24.20 0.66 9.16
N ALA B 166 -23.61 1.48 8.30
CA ALA B 166 -23.44 1.13 6.89
C ALA B 166 -22.14 0.36 6.73
N VAL B 167 -22.24 -0.91 6.35
CA VAL B 167 -21.07 -1.77 6.18
C VAL B 167 -20.70 -1.78 4.70
N VAL B 168 -19.52 -1.26 4.38
CA VAL B 168 -19.02 -1.22 3.01
C VAL B 168 -17.76 -2.06 2.95
N ILE B 169 -17.79 -3.13 2.16
CA ILE B 169 -16.66 -4.02 1.99
C ILE B 169 -16.14 -3.90 0.56
N THR B 170 -14.83 -4.07 0.42
CA THR B 170 -14.17 -3.97 -0.88
C THR B 170 -13.73 -5.35 -1.34
N ASN B 171 -13.91 -5.62 -2.63
CA ASN B 171 -13.53 -6.90 -3.22
C ASN B 171 -12.74 -6.64 -4.51
N GLN B 172 -11.61 -7.31 -4.66
CA GLN B 172 -10.77 -7.17 -5.84
C GLN B 172 -11.16 -8.21 -6.87
N VAL B 173 -11.38 -7.76 -8.12
CA VAL B 173 -11.79 -8.62 -9.21
C VAL B 173 -10.80 -8.47 -10.35
N VAL B 174 -10.41 -9.59 -10.96
CA VAL B 174 -9.49 -9.57 -12.10
C VAL B 174 -10.26 -9.84 -13.39
N GLY B 192 -19.16 -23.30 -5.65
CA GLY B 192 -19.26 -23.30 -4.21
C GLY B 192 -20.20 -22.23 -3.68
N GLY B 193 -20.68 -21.37 -4.58
CA GLY B 193 -21.58 -20.29 -4.19
C GLY B 193 -20.88 -19.13 -3.52
N ASN B 194 -20.89 -17.97 -4.17
CA ASN B 194 -20.25 -16.78 -3.62
C ASN B 194 -21.07 -16.27 -2.44
N ILE B 195 -20.59 -16.50 -1.23
CA ILE B 195 -21.30 -16.07 -0.04
C ILE B 195 -21.32 -14.55 0.10
N ILE B 196 -20.36 -13.86 -0.55
CA ILE B 196 -20.36 -12.40 -0.52
C ILE B 196 -21.58 -11.86 -1.25
N ALA B 197 -21.95 -12.47 -2.37
CA ALA B 197 -23.12 -12.03 -3.12
C ALA B 197 -24.40 -12.25 -2.33
N HIS B 198 -24.44 -13.30 -1.49
CA HIS B 198 -25.62 -13.56 -0.69
C HIS B 198 -25.69 -12.64 0.52
N ALA B 199 -24.57 -12.38 1.17
CA ALA B 199 -24.56 -11.55 2.37
C ALA B 199 -24.69 -10.06 2.07
N SER B 200 -24.33 -9.63 0.87
CA SER B 200 -24.37 -8.22 0.51
C SER B 200 -25.74 -7.87 -0.06
N THR B 201 -26.30 -6.76 0.41
CA THR B 201 -27.57 -6.27 -0.11
C THR B 201 -27.37 -5.42 -1.35
N THR B 202 -26.55 -4.38 -1.24
CA THR B 202 -26.23 -3.50 -2.36
C THR B 202 -24.88 -3.92 -2.95
N ARG B 203 -24.80 -3.92 -4.28
CA ARG B 203 -23.61 -4.35 -4.98
C ARG B 203 -23.27 -3.36 -6.08
N LEU B 204 -22.08 -2.77 -6.00
CA LEU B 204 -21.60 -1.81 -6.99
C LEU B 204 -20.40 -2.40 -7.72
N TYR B 205 -20.40 -2.26 -9.04
CA TYR B 205 -19.31 -2.70 -9.90
C TYR B 205 -18.63 -1.46 -10.49
N LEU B 206 -17.34 -1.33 -10.22
CA LEU B 206 -16.57 -0.19 -10.67
C LEU B 206 -15.67 -0.62 -11.84
N ARG B 207 -15.82 0.04 -12.97
CA ARG B 207 -15.05 -0.25 -14.16
C ARG B 207 -14.39 1.02 -14.67
N LYS B 208 -13.28 0.84 -15.40
CA LYS B 208 -12.54 1.95 -15.97
C LYS B 208 -12.92 2.09 -17.45
N GLY B 209 -13.52 3.22 -17.79
CA GLY B 209 -13.95 3.44 -19.16
C GLY B 209 -12.83 3.94 -20.05
N ARG B 210 -12.95 5.16 -20.55
CA ARG B 210 -11.92 5.78 -21.36
C ARG B 210 -11.38 7.00 -20.62
N GLY B 211 -10.10 6.96 -20.25
CA GLY B 211 -9.54 8.04 -19.47
C GLY B 211 -10.05 8.00 -18.05
N GLU B 212 -10.32 9.18 -17.49
CA GLU B 212 -10.82 9.29 -16.13
C GLU B 212 -12.29 8.88 -16.01
N THR B 213 -12.91 8.40 -17.10
CA THR B 213 -14.29 7.92 -17.06
C THR B 213 -14.38 6.67 -16.19
N ARG B 214 -14.88 6.83 -14.96
CA ARG B 214 -15.08 5.71 -14.06
C ARG B 214 -16.56 5.39 -14.00
N ILE B 215 -16.92 4.17 -14.38
CA ILE B 215 -18.31 3.76 -14.51
C ILE B 215 -18.69 2.92 -13.29
N CYS B 216 -19.69 3.37 -12.54
CA CYS B 216 -20.24 2.65 -11.41
C CYS B 216 -21.60 2.10 -11.80
N LYS B 217 -21.75 0.78 -11.74
CA LYS B 217 -22.99 0.12 -12.13
C LYS B 217 -23.58 -0.62 -10.94
N ILE B 218 -24.88 -0.44 -10.72
CA ILE B 218 -25.59 -1.18 -9.69
C ILE B 218 -25.73 -2.62 -10.17
N TYR B 219 -24.80 -3.49 -9.78
CA TYR B 219 -24.78 -4.85 -10.29
C TYR B 219 -25.96 -5.66 -9.74
N ASP B 220 -26.33 -5.42 -8.49
CA ASP B 220 -27.47 -6.11 -7.89
C ASP B 220 -28.00 -5.28 -6.73
N SER B 221 -29.32 -5.16 -6.66
CA SER B 221 -29.98 -4.43 -5.58
C SER B 221 -31.44 -4.85 -5.50
N PRO B 222 -31.94 -5.18 -4.30
CA PRO B 222 -33.35 -5.59 -4.19
C PRO B 222 -34.33 -4.49 -4.51
N SER B 223 -33.91 -3.22 -4.46
CA SER B 223 -34.81 -2.09 -4.71
C SER B 223 -34.32 -1.18 -5.82
N LEU B 224 -33.00 -0.98 -5.95
CA LEU B 224 -32.49 -0.06 -6.96
C LEU B 224 -32.38 -0.77 -8.30
N PRO B 225 -32.75 -0.10 -9.39
CA PRO B 225 -32.60 -0.69 -10.72
C PRO B 225 -31.14 -0.73 -11.17
N GLU B 226 -30.86 -1.69 -12.05
CA GLU B 226 -29.50 -1.89 -12.56
C GLU B 226 -29.19 -0.81 -13.59
N ALA B 227 -28.67 0.31 -13.12
CA ALA B 227 -28.28 1.43 -13.96
C ALA B 227 -26.81 1.76 -13.74
N GLU B 228 -26.29 2.63 -14.60
CA GLU B 228 -24.88 3.01 -14.58
C GLU B 228 -24.75 4.52 -14.41
N ALA B 229 -23.61 4.94 -13.87
CA ALA B 229 -23.30 6.36 -13.69
C ALA B 229 -21.81 6.56 -13.90
N MET B 230 -21.44 7.81 -14.20
CA MET B 230 -20.05 8.19 -14.42
C MET B 230 -19.55 9.03 -13.26
N PHE B 231 -18.26 8.89 -12.96
CA PHE B 231 -17.63 9.65 -11.89
C PHE B 231 -16.12 9.63 -12.09
N ALA B 232 -15.45 10.41 -11.24
CA ALA B 232 -14.00 10.60 -11.30
C ALA B 232 -13.48 10.80 -9.89
N ILE B 233 -12.15 10.74 -9.76
CA ILE B 233 -11.47 10.91 -8.48
C ILE B 233 -10.59 12.14 -8.60
N ASN B 234 -11.08 13.27 -8.08
CA ASN B 234 -10.31 14.50 -8.07
C ASN B 234 -9.45 14.58 -6.80
N ALA B 235 -8.61 15.61 -6.74
CA ALA B 235 -7.71 15.80 -5.61
C ALA B 235 -8.45 15.98 -4.28
N ASP B 236 -9.78 16.09 -4.30
CA ASP B 236 -10.58 16.21 -3.09
C ASP B 236 -11.61 15.09 -3.00
N GLY B 237 -11.30 13.93 -3.55
CA GLY B 237 -12.14 12.76 -3.40
C GLY B 237 -13.00 12.47 -4.61
N VAL B 238 -14.09 11.75 -4.37
CA VAL B 238 -14.99 11.35 -5.44
C VAL B 238 -15.76 12.57 -5.93
N GLY B 239 -15.93 12.67 -7.25
CA GLY B 239 -16.66 13.77 -7.83
C GLY B 239 -17.19 13.41 -9.20
N ASP B 240 -17.87 14.38 -9.80
CA ASP B 240 -18.44 14.22 -11.14
C ASP B 240 -17.58 14.94 -12.17
N ALA B 241 -17.51 14.34 -13.36
CA ALA B 241 -16.79 14.95 -14.48
C ALA B 241 -17.67 16.05 -15.08
N LYS B 242 -17.32 17.30 -14.81
CA LYS B 242 -18.12 18.44 -15.25
C LYS B 242 -18.02 18.57 -16.77
N ASP B 243 -19.07 18.16 -17.47
CA ASP B 243 -19.09 18.20 -18.93
C ASP B 243 -19.64 19.52 -19.43
N THR B 272 -5.69 -7.46 24.44
CA THR B 272 -5.03 -7.67 23.15
C THR B 272 -5.28 -6.49 22.24
N PHE B 273 -6.30 -6.61 21.38
CA PHE B 273 -6.66 -5.54 20.45
C PHE B 273 -7.22 -4.37 21.25
N VAL B 274 -6.46 -3.29 21.34
CA VAL B 274 -6.74 -2.19 22.25
C VAL B 274 -7.29 -1.01 21.46
N SER B 275 -7.88 -0.06 22.19
CA SER B 275 -8.40 1.18 21.64
C SER B 275 -8.09 2.33 22.60
N PRO B 276 -7.30 3.32 22.19
CA PRO B 276 -6.97 4.43 23.10
C PRO B 276 -7.97 5.58 22.99
N ALA B 277 -7.63 6.59 22.19
CA ALA B 277 -8.52 7.73 21.97
C ALA B 277 -9.65 7.41 21.01
N ALA B 278 -9.67 6.20 20.43
CA ALA B 278 -10.78 5.80 19.57
C ALA B 278 -12.06 5.55 20.35
N GLN B 279 -11.96 5.39 21.68
CA GLN B 279 -13.14 5.19 22.51
C GLN B 279 -13.95 6.45 22.73
N LYS B 280 -13.45 7.61 22.27
CA LYS B 280 -14.15 8.86 22.47
C LYS B 280 -15.46 8.88 21.69
N ALA B 281 -16.42 9.66 22.17
CA ALA B 281 -17.71 9.76 21.52
C ALA B 281 -17.59 10.53 20.20
N PHE B 282 -18.65 10.46 19.41
CA PHE B 282 -18.68 11.13 18.12
C PHE B 282 -18.73 12.64 18.34
N GLN B 283 -17.64 13.33 17.99
CA GLN B 283 -17.59 14.78 18.08
C GLN B 283 -18.01 15.38 16.76
N PRO B 284 -19.11 16.13 16.69
CA PRO B 284 -19.54 16.73 15.43
C PRO B 284 -18.47 17.65 14.88
N PRO B 285 -18.08 17.46 13.61
CA PRO B 285 -17.00 18.27 13.05
C PRO B 285 -17.37 19.75 12.98
N ARG B 286 -16.40 20.60 13.30
CA ARG B 286 -16.60 22.04 13.28
C ARG B 286 -16.45 22.57 11.85
N SER B 287 -16.60 23.88 11.70
CA SER B 287 -16.53 24.49 10.37
C SER B 287 -15.09 24.74 9.95
N ALA B 288 -14.32 25.46 10.77
CA ALA B 288 -12.95 25.83 10.46
C ALA B 288 -12.85 26.59 9.14
N GLY B 289 -13.85 27.42 8.87
CA GLY B 289 -13.89 28.18 7.63
C GLY B 289 -15.14 29.03 7.50
#